data_2HJP
#
_entry.id   2HJP
#
_cell.length_a   74.890
_cell.length_b   79.180
_cell.length_c   93.430
_cell.angle_alpha   90.00
_cell.angle_beta   90.00
_cell.angle_gamma   90.00
#
_symmetry.space_group_name_H-M   'I 2 2 2'
#
loop_
_entity.id
_entity.type
_entity.pdbx_description
1 polymer 'Phosphonopyruvate hydrolase'
2 non-polymer alpha-D-xylopyranose
3 non-polymer 'MAGNESIUM ION'
4 non-polymer 'SODIUM ION'
5 non-polymer 'CHLORIDE ION'
6 non-polymer PHOSPHONOPYRUVATE
7 water water
#
_entity_poly.entity_id   1
_entity_poly.type   'polypeptide(L)'
_entity_poly.pdbx_seq_one_letter_code
;MTKNQALRAALDSGRLFTAMAAHNPLVAKLAEQAGFGGIWGSGFELSASYAVPDANILSMSTHLEMMRAIASTVSIPLIA
DIDTGFGNAVNVHYVVPQYEAAGASAIVMEDKTFPKDTSLRTDGRQELVRIEEFQGKIAAATAARADRDFVVIARVEALI
AGLGQQEAVRRGQAYEEAGADAILIHSRQKTPDEILAFVKSWPGKVPLVLVPTAYPQLTEADIAALSKVGIVIYGNHAIR
AAVGAVREVFARIRRDGGIREVDAALPSVKEIIELQGDERMRAVEARYLK
;
_entity_poly.pdbx_strand_id   A
#
# COMPACT_ATOMS: atom_id res chain seq x y z
N MET A 1 -2.37 -21.80 5.40
CA MET A 1 -1.36 -20.80 4.98
C MET A 1 -1.40 -19.50 5.77
N THR A 2 -0.24 -19.03 6.20
CA THR A 2 -0.18 -17.76 6.89
C THR A 2 -0.35 -16.65 5.83
N LYS A 3 -0.60 -15.42 6.26
CA LYS A 3 -0.72 -14.35 5.25
C LYS A 3 0.56 -14.19 4.45
N ASN A 4 1.71 -14.31 5.10
CA ASN A 4 3.00 -14.11 4.34
C ASN A 4 3.16 -15.15 3.25
N GLN A 5 2.75 -16.37 3.58
CA GLN A 5 2.82 -17.47 2.61
C GLN A 5 1.87 -17.18 1.47
N ALA A 6 0.65 -16.79 1.82
CA ALA A 6 -0.34 -16.41 0.79
C ALA A 6 0.21 -15.36 -0.20
N LEU A 7 0.89 -14.32 0.27
CA LEU A 7 1.41 -13.30 -0.63
C LEU A 7 2.53 -13.87 -1.47
N ARG A 8 3.42 -14.61 -0.83
CA ARG A 8 4.53 -15.23 -1.55
C ARG A 8 3.95 -16.22 -2.61
N ALA A 9 2.91 -16.95 -2.28
CA ALA A 9 2.28 -17.87 -3.23
C ALA A 9 1.73 -17.11 -4.47
N ALA A 10 1.03 -16.01 -4.22
CA ALA A 10 0.50 -15.19 -5.31
C ALA A 10 1.67 -14.69 -6.18
N LEU A 11 2.73 -14.20 -5.56
CA LEU A 11 3.88 -13.76 -6.39
C LEU A 11 4.58 -14.88 -7.19
N ASP A 12 4.76 -16.05 -6.58
CA ASP A 12 5.43 -17.14 -7.29
C ASP A 12 4.46 -17.78 -8.27
N SER A 13 3.16 -17.64 -8.03
CA SER A 13 2.19 -18.27 -8.90
C SER A 13 2.03 -17.65 -10.26
N GLY A 14 2.43 -16.41 -10.47
CA GLY A 14 2.16 -15.87 -11.79
C GLY A 14 0.80 -15.17 -11.92
N ARG A 15 -0.13 -15.40 -10.99
CA ARG A 15 -1.43 -14.71 -11.02
C ARG A 15 -1.16 -13.22 -10.72
N LEU A 16 -2.01 -12.33 -11.19
CA LEU A 16 -1.85 -10.90 -10.90
C LEU A 16 -2.59 -10.65 -9.56
N PHE A 17 -1.87 -10.07 -8.59
CA PHE A 17 -2.39 -9.81 -7.23
C PHE A 17 -2.85 -8.34 -7.13
N THR A 18 -4.06 -8.12 -6.63
CA THR A 18 -4.56 -6.75 -6.48
C THR A 18 -4.58 -6.33 -5.02
N ALA A 19 -4.17 -5.10 -4.78
CA ALA A 19 -4.17 -4.60 -3.40
C ALA A 19 -4.84 -3.20 -3.46
N MET A 20 -5.74 -2.96 -2.54
CA MET A 20 -6.49 -1.67 -2.44
C MET A 20 -6.11 -0.86 -1.19
N ALA A 21 -5.98 0.43 -1.43
CA ALA A 21 -5.68 1.35 -0.35
C ALA A 21 -6.75 1.31 0.76
N ALA A 22 -6.32 1.55 2.00
CA ALA A 22 -7.24 1.66 3.10
C ALA A 22 -6.65 2.64 4.10
N HIS A 23 -7.49 3.54 4.63
CA HIS A 23 -7.00 4.52 5.65
C HIS A 23 -7.47 4.13 7.08
N ASN A 24 -8.26 3.05 7.20
CA ASN A 24 -8.66 2.53 8.51
C ASN A 24 -9.07 1.07 8.37
N PRO A 25 -9.25 0.33 9.48
CA PRO A 25 -9.64 -1.10 9.42
C PRO A 25 -11.02 -1.36 8.75
N LEU A 26 -11.97 -0.43 8.93
CA LEU A 26 -13.27 -0.62 8.32
C LEU A 26 -13.11 -0.64 6.77
N VAL A 27 -12.43 0.35 6.23
CA VAL A 27 -12.23 0.40 4.80
C VAL A 27 -11.45 -0.87 4.35
N ALA A 28 -10.47 -1.29 5.15
CA ALA A 28 -9.70 -2.52 4.77
C ALA A 28 -10.66 -3.70 4.73
N LYS A 29 -11.56 -3.77 5.72
CA LYS A 29 -12.55 -4.85 5.73
C LYS A 29 -13.43 -4.78 4.46
N LEU A 30 -13.80 -3.58 4.02
CA LEU A 30 -14.63 -3.54 2.82
C LEU A 30 -13.84 -4.00 1.61
N ALA A 31 -12.56 -3.65 1.53
CA ALA A 31 -11.71 -4.09 0.39
C ALA A 31 -11.66 -5.60 0.39
N GLU A 32 -11.49 -6.21 1.58
CA GLU A 32 -11.43 -7.66 1.64
C GLU A 32 -12.72 -8.25 1.10
N GLN A 33 -13.84 -7.70 1.56
CA GLN A 33 -15.15 -8.17 1.17
C GLN A 33 -15.43 -7.96 -0.31
N ALA A 34 -14.88 -6.89 -0.88
CA ALA A 34 -15.06 -6.61 -2.34
C ALA A 34 -14.24 -7.63 -3.18
N GLY A 35 -13.29 -8.33 -2.55
CA GLY A 35 -12.54 -9.35 -3.25
C GLY A 35 -11.13 -8.99 -3.63
N PHE A 36 -10.57 -7.87 -3.12
CA PHE A 36 -9.19 -7.57 -3.50
C PHE A 36 -8.28 -8.60 -2.83
N GLY A 37 -7.12 -8.81 -3.43
CA GLY A 37 -6.13 -9.76 -2.95
C GLY A 37 -5.46 -9.32 -1.66
N GLY A 38 -5.17 -8.03 -1.54
CA GLY A 38 -4.54 -7.57 -0.33
C GLY A 38 -4.88 -6.09 -0.05
N ILE A 39 -4.44 -5.60 1.09
CA ILE A 39 -4.64 -4.22 1.50
C ILE A 39 -3.34 -3.42 1.30
N TRP A 40 -3.45 -2.18 0.82
CA TRP A 40 -2.30 -1.29 0.64
C TRP A 40 -2.40 -0.27 1.81
N GLY A 41 -1.45 -0.36 2.73
CA GLY A 41 -1.44 0.55 3.90
C GLY A 41 -0.76 1.84 3.52
N SER A 42 -1.43 2.54 2.63
CA SER A 42 -1.02 3.78 2.04
C SER A 42 -0.63 4.96 2.98
N GLY A 43 0.58 5.51 2.83
CA GLY A 43 0.94 6.68 3.63
C GLY A 43 0.17 7.93 3.13
N PHE A 44 -0.17 7.98 1.85
CA PHE A 44 -0.88 9.11 1.30
C PHE A 44 -2.30 9.12 1.91
N GLU A 45 -2.94 7.95 1.87
CA GLU A 45 -4.28 7.85 2.46
C GLU A 45 -4.33 8.14 3.95
N LEU A 46 -3.39 7.58 4.74
CA LEU A 46 -3.47 7.86 6.16
C LEU A 46 -3.15 9.35 6.42
N SER A 47 -2.13 9.92 5.78
CA SER A 47 -1.86 11.33 6.04
C SER A 47 -3.05 12.18 5.54
N ALA A 48 -3.67 11.81 4.42
CA ALA A 48 -4.81 12.60 3.93
C ALA A 48 -5.93 12.55 4.98
N SER A 49 -6.14 11.39 5.59
CA SER A 49 -7.23 11.27 6.58
C SER A 49 -6.98 12.13 7.83
N TYR A 50 -5.72 12.53 8.03
CA TYR A 50 -5.28 13.41 9.11
C TYR A 50 -5.17 14.81 8.62
N ALA A 51 -5.48 15.03 7.35
CA ALA A 51 -5.42 16.37 6.80
C ALA A 51 -4.05 17.02 6.92
N VAL A 52 -3.00 16.22 6.68
CA VAL A 52 -1.61 16.69 6.66
C VAL A 52 -0.99 16.18 5.35
N PRO A 53 0.03 16.90 4.80
CA PRO A 53 0.63 16.44 3.55
C PRO A 53 1.36 15.13 3.69
N ASP A 54 1.46 14.42 2.56
CA ASP A 54 2.18 13.14 2.47
C ASP A 54 3.68 13.54 2.23
N ALA A 55 4.34 14.11 3.25
CA ALA A 55 5.72 14.58 3.12
C ALA A 55 6.42 14.24 4.42
N ASN A 56 6.24 13.01 4.88
CA ASN A 56 6.85 12.54 6.12
C ASN A 56 6.49 13.43 7.32
N ILE A 57 5.28 13.93 7.32
CA ILE A 57 4.89 14.75 8.44
C ILE A 57 4.20 13.91 9.46
N LEU A 58 3.39 12.97 8.98
CA LEU A 58 2.64 12.10 9.88
C LEU A 58 3.60 11.25 10.69
N SER A 59 3.36 11.13 11.99
CA SER A 59 4.23 10.30 12.82
C SER A 59 4.36 8.83 12.33
N MET A 60 5.53 8.24 12.45
CA MET A 60 5.68 6.85 12.01
C MET A 60 4.81 5.93 12.91
N SER A 61 4.74 6.27 14.20
CA SER A 61 3.93 5.51 15.14
C SER A 61 2.42 5.47 14.73
N THR A 62 1.93 6.57 14.21
CA THR A 62 0.53 6.60 13.82
C THR A 62 0.34 5.57 12.69
N HIS A 63 1.28 5.53 11.76
CA HIS A 63 1.14 4.61 10.67
C HIS A 63 1.33 3.12 11.12
N LEU A 64 2.35 2.88 11.93
CA LEU A 64 2.64 1.52 12.41
C LEU A 64 1.43 1.02 13.19
N GLU A 65 0.85 1.85 14.08
CA GLU A 65 -0.34 1.37 14.83
C GLU A 65 -1.57 1.13 13.92
N MET A 66 -1.73 1.95 12.88
CA MET A 66 -2.81 1.74 11.94
C MET A 66 -2.56 0.40 11.24
N MET A 67 -1.31 0.05 10.93
CA MET A 67 -1.06 -1.23 10.23
C MET A 67 -1.45 -2.36 11.15
N ARG A 68 -1.10 -2.26 12.42
CA ARG A 68 -1.48 -3.28 13.40
C ARG A 68 -2.98 -3.51 13.46
N ALA A 69 -3.71 -2.41 13.57
CA ALA A 69 -5.14 -2.46 13.63
C ALA A 69 -5.73 -3.06 12.32
N ILE A 70 -5.22 -2.66 11.16
CA ILE A 70 -5.73 -3.25 9.90
C ILE A 70 -5.43 -4.77 9.84
N ALA A 71 -4.20 -5.17 10.15
CA ALA A 71 -3.85 -6.57 10.04
C ALA A 71 -4.68 -7.41 11.04
N SER A 72 -5.11 -6.83 12.17
CA SER A 72 -5.88 -7.61 13.14
C SER A 72 -7.35 -7.70 12.74
N THR A 73 -7.71 -6.98 11.70
CA THR A 73 -9.09 -6.97 11.24
C THR A 73 -9.27 -7.83 9.95
N VAL A 74 -8.30 -7.84 9.03
CA VAL A 74 -8.54 -8.56 7.78
C VAL A 74 -7.79 -9.92 7.80
N SER A 75 -8.18 -10.81 6.89
CA SER A 75 -7.56 -12.12 6.80
C SER A 75 -6.65 -12.16 5.57
N ILE A 76 -6.62 -11.07 4.77
CA ILE A 76 -5.80 -11.08 3.57
C ILE A 76 -4.49 -10.29 3.85
N PRO A 77 -3.42 -10.49 3.05
CA PRO A 77 -2.14 -9.78 3.25
C PRO A 77 -2.21 -8.26 3.22
N LEU A 78 -1.39 -7.65 4.06
CA LEU A 78 -1.30 -6.19 4.17
C LEU A 78 0.11 -5.84 3.67
N ILE A 79 0.19 -4.93 2.72
CA ILE A 79 1.42 -4.42 2.18
C ILE A 79 1.50 -3.03 2.82
N ALA A 80 2.49 -2.81 3.68
CA ALA A 80 2.64 -1.52 4.32
C ALA A 80 3.63 -0.57 3.62
N ASP A 81 3.22 0.71 3.48
CA ASP A 81 4.05 1.76 2.90
C ASP A 81 5.00 2.31 4.03
N ILE A 82 6.32 2.15 3.91
CA ILE A 82 7.19 2.72 4.95
C ILE A 82 8.02 3.88 4.42
N ASP A 83 7.46 4.55 3.42
CA ASP A 83 8.08 5.73 2.81
C ASP A 83 9.55 5.48 2.49
N THR A 84 10.48 6.26 3.09
CA THR A 84 11.88 6.01 2.82
C THR A 84 12.56 5.23 3.92
N GLY A 85 11.78 4.51 4.72
CA GLY A 85 12.35 3.73 5.80
C GLY A 85 12.51 4.49 7.10
N PHE A 86 11.98 5.71 7.11
CA PHE A 86 12.09 6.59 8.28
C PHE A 86 13.52 6.84 8.73
N GLY A 87 14.47 6.90 7.81
CA GLY A 87 15.84 7.14 8.23
C GLY A 87 16.79 6.38 7.35
N ASN A 88 17.98 6.05 7.84
CA ASN A 88 18.93 5.36 7.02
C ASN A 88 18.80 3.85 7.26
N ALA A 89 19.75 3.08 6.75
CA ALA A 89 19.69 1.61 6.91
C ALA A 89 19.62 1.18 8.36
N VAL A 90 20.18 1.97 9.27
CA VAL A 90 20.12 1.57 10.67
C VAL A 90 18.63 1.68 11.13
N ASN A 91 17.94 2.76 10.79
CA ASN A 91 16.54 2.92 11.17
C ASN A 91 15.77 1.78 10.51
N VAL A 92 16.07 1.47 9.25
CA VAL A 92 15.38 0.36 8.54
C VAL A 92 15.45 -0.93 9.33
N HIS A 93 16.63 -1.24 9.80
CA HIS A 93 16.84 -2.44 10.63
C HIS A 93 15.99 -2.53 11.86
N TYR A 94 15.74 -1.38 12.48
CA TYR A 94 14.94 -1.33 13.69
C TYR A 94 13.45 -1.23 13.38
N VAL A 95 13.12 -0.63 12.25
CA VAL A 95 11.76 -0.42 11.87
C VAL A 95 11.07 -1.65 11.26
N VAL A 96 11.75 -2.38 10.39
CA VAL A 96 11.15 -3.55 9.70
C VAL A 96 10.55 -4.63 10.61
N PRO A 97 11.28 -5.03 11.66
CA PRO A 97 10.75 -6.05 12.55
C PRO A 97 9.46 -5.52 13.25
N GLN A 98 9.33 -4.21 13.44
CA GLN A 98 8.09 -3.69 14.04
C GLN A 98 6.90 -3.83 13.11
N TYR A 99 7.10 -3.55 11.83
CA TYR A 99 6.02 -3.71 10.82
C TYR A 99 5.67 -5.20 10.66
N GLU A 100 6.69 -6.07 10.63
CA GLU A 100 6.45 -7.53 10.59
C GLU A 100 5.66 -7.99 11.81
N ALA A 101 6.12 -7.57 12.99
CA ALA A 101 5.41 -7.94 14.21
C ALA A 101 4.00 -7.36 14.22
N ALA A 102 3.77 -6.20 13.58
CA ALA A 102 2.42 -5.59 13.52
C ALA A 102 1.46 -6.45 12.63
N GLY A 103 2.04 -7.35 11.82
CA GLY A 103 1.26 -8.25 11.01
C GLY A 103 1.27 -7.89 9.52
N ALA A 104 2.05 -6.90 9.11
CA ALA A 104 2.19 -6.61 7.66
C ALA A 104 2.91 -7.79 6.94
N SER A 105 2.50 -8.07 5.71
CA SER A 105 3.13 -9.19 4.99
C SER A 105 4.25 -8.67 4.02
N ALA A 106 4.32 -7.34 3.86
CA ALA A 106 5.31 -6.68 2.98
C ALA A 106 5.44 -5.23 3.38
N ILE A 107 6.56 -4.64 2.96
CA ILE A 107 6.78 -3.22 3.13
C ILE A 107 7.28 -2.79 1.75
N VAL A 108 6.98 -1.54 1.43
CA VAL A 108 7.41 -0.86 0.20
C VAL A 108 8.23 0.33 0.75
N MET A 109 9.47 0.44 0.27
CA MET A 109 10.40 1.50 0.68
C MET A 109 10.96 2.11 -0.64
N GLU A 110 10.92 3.43 -0.76
CA GLU A 110 11.38 4.13 -1.99
C GLU A 110 12.76 4.74 -1.85
N ASP A 111 13.39 5.00 -2.99
CA ASP A 111 14.77 5.53 -2.93
C ASP A 111 14.91 7.06 -2.98
N LYS A 112 13.86 7.77 -2.55
CA LYS A 112 13.94 9.23 -2.50
C LYS A 112 14.89 9.55 -1.32
N THR A 113 15.53 10.70 -1.37
CA THR A 113 16.40 11.10 -0.27
C THR A 113 15.42 11.56 0.77
N PHE A 114 15.87 11.64 2.01
CA PHE A 114 14.98 12.09 3.06
C PHE A 114 15.84 12.67 4.14
N PRO A 115 15.49 13.84 4.65
CA PRO A 115 14.32 14.64 4.25
C PRO A 115 14.60 15.37 2.96
N LYS A 116 13.54 15.92 2.37
CA LYS A 116 13.66 16.69 1.14
C LYS A 116 14.62 17.88 1.31
N ASP A 117 15.39 18.11 0.26
CA ASP A 117 16.37 19.20 0.26
C ASP A 117 15.84 20.48 -0.36
N THR A 118 16.43 21.60 0.04
CA THR A 118 16.00 22.87 -0.48
C THR A 118 16.00 23.00 -1.98
N GLN A 126 20.28 14.55 -7.36
CA GLN A 126 20.31 14.81 -5.88
C GLN A 126 18.97 14.41 -5.23
N GLU A 127 17.97 14.16 -6.08
CA GLU A 127 16.61 13.80 -5.65
C GLU A 127 16.48 12.41 -5.03
N LEU A 128 17.32 11.48 -5.49
CA LEU A 128 17.31 10.12 -4.99
C LEU A 128 18.60 9.81 -4.19
N VAL A 129 18.57 8.80 -3.32
CA VAL A 129 19.79 8.47 -2.60
C VAL A 129 20.71 7.70 -3.55
N ARG A 130 21.97 7.54 -3.17
CA ARG A 130 22.93 6.81 -3.98
C ARG A 130 22.49 5.37 -4.04
N ILE A 131 22.74 4.77 -5.20
CA ILE A 131 22.36 3.39 -5.47
C ILE A 131 22.90 2.45 -4.38
N GLU A 132 24.18 2.58 -4.04
CA GLU A 132 24.75 1.72 -3.00
C GLU A 132 24.12 1.99 -1.65
N GLU A 133 23.79 3.25 -1.37
CA GLU A 133 23.16 3.52 -0.07
C GLU A 133 21.79 2.79 -0.05
N PHE A 134 21.02 2.85 -1.15
CA PHE A 134 19.71 2.17 -1.07
C PHE A 134 19.86 0.65 -1.02
N GLN A 135 20.88 0.14 -1.70
CA GLN A 135 21.16 -1.28 -1.65
C GLN A 135 21.39 -1.64 -0.21
N GLY A 136 22.11 -0.78 0.54
CA GLY A 136 22.31 -1.06 1.98
C GLY A 136 20.98 -1.11 2.77
N LYS A 137 20.09 -0.19 2.46
CA LYS A 137 18.77 -0.15 3.11
C LYS A 137 17.90 -1.40 2.84
N ILE A 138 17.90 -1.83 1.61
CA ILE A 138 17.14 -3.03 1.24
C ILE A 138 17.78 -4.25 1.91
N ALA A 139 19.12 -4.35 1.88
CA ALA A 139 19.80 -5.49 2.51
C ALA A 139 19.51 -5.48 4.03
N ALA A 140 19.48 -4.29 4.64
CA ALA A 140 19.14 -4.18 6.09
C ALA A 140 17.71 -4.70 6.33
N ALA A 141 16.78 -4.38 5.40
CA ALA A 141 15.42 -4.81 5.56
C ALA A 141 15.31 -6.30 5.46
N THR A 142 15.95 -6.89 4.43
CA THR A 142 15.89 -8.34 4.32
C THR A 142 16.64 -9.06 5.44
N ALA A 143 17.70 -8.44 5.96
CA ALA A 143 18.44 -9.03 7.10
C ALA A 143 17.55 -8.97 8.39
N ALA A 144 16.80 -7.88 8.54
CA ALA A 144 15.97 -7.69 9.74
C ALA A 144 14.69 -8.53 9.84
N ARG A 145 14.13 -8.97 8.72
CA ARG A 145 12.90 -9.73 8.76
C ARG A 145 13.13 -11.11 9.39
N ALA A 146 12.14 -11.60 10.12
CA ALA A 146 12.23 -12.92 10.78
C ALA A 146 11.72 -14.00 9.87
N ASP A 147 10.54 -13.81 9.32
CA ASP A 147 9.95 -14.84 8.47
C ASP A 147 10.47 -14.61 7.02
N ARG A 148 11.18 -15.56 6.38
CA ARG A 148 11.66 -15.32 5.03
C ARG A 148 10.54 -15.02 4.02
N ASP A 149 9.29 -15.43 4.31
CA ASP A 149 8.20 -15.17 3.39
C ASP A 149 7.75 -13.71 3.34
N PHE A 150 8.07 -12.93 4.37
CA PHE A 150 7.72 -11.50 4.44
C PHE A 150 8.42 -10.88 3.21
N VAL A 151 7.74 -9.97 2.53
CA VAL A 151 8.20 -9.40 1.28
C VAL A 151 8.74 -8.01 1.32
N VAL A 152 9.93 -7.80 0.74
CA VAL A 152 10.49 -6.48 0.71
C VAL A 152 10.46 -5.94 -0.71
N ILE A 153 9.73 -4.85 -0.90
CA ILE A 153 9.50 -4.22 -2.20
C ILE A 153 10.23 -2.91 -2.26
N ALA A 154 11.07 -2.79 -3.29
CA ALA A 154 11.81 -1.55 -3.47
C ALA A 154 11.10 -0.71 -4.53
N ARG A 155 10.87 0.52 -4.17
CA ARG A 155 10.23 1.44 -5.08
C ARG A 155 11.24 2.37 -5.71
N VAL A 156 11.26 2.35 -7.04
CA VAL A 156 12.20 3.15 -7.84
C VAL A 156 11.52 4.44 -8.30
N GLU A 157 12.05 5.58 -7.86
CA GLU A 157 11.53 6.91 -8.17
C GLU A 157 12.23 7.60 -9.36
N ALA A 158 13.25 6.95 -9.91
CA ALA A 158 14.02 7.55 -11.00
C ALA A 158 13.20 8.09 -12.21
N LEU A 159 12.10 7.43 -12.61
CA LEU A 159 11.29 7.97 -13.73
C LEU A 159 10.69 9.32 -13.28
N ILE A 160 10.10 9.32 -12.11
CA ILE A 160 9.49 10.48 -11.53
C ILE A 160 10.52 11.62 -11.32
N ALA A 161 11.73 11.27 -10.88
CA ALA A 161 12.79 12.24 -10.62
C ALA A 161 13.41 12.74 -11.91
N GLY A 162 12.90 12.22 -13.01
CA GLY A 162 13.38 12.59 -14.33
C GLY A 162 14.77 12.10 -14.64
N LEU A 163 15.20 10.98 -14.10
CA LEU A 163 16.54 10.49 -14.38
C LEU A 163 16.62 9.56 -15.60
N GLY A 164 15.46 9.25 -16.15
CA GLY A 164 15.47 8.42 -17.35
C GLY A 164 15.27 6.96 -17.10
N GLN A 165 14.96 6.24 -18.17
CA GLN A 165 14.71 4.81 -18.17
C GLN A 165 15.95 3.95 -17.84
N GLN A 166 17.09 4.23 -18.50
CA GLN A 166 18.32 3.47 -18.23
C GLN A 166 18.64 3.43 -16.71
N GLU A 167 18.59 4.57 -16.03
CA GLU A 167 18.88 4.71 -14.60
C GLU A 167 17.80 3.98 -13.72
N ALA A 168 16.52 4.10 -14.11
CA ALA A 168 15.42 3.44 -13.41
C ALA A 168 15.69 1.94 -13.49
N VAL A 169 16.04 1.42 -14.68
CA VAL A 169 16.33 -0.02 -14.75
C VAL A 169 17.60 -0.40 -13.99
N ARG A 170 18.60 0.46 -14.05
CA ARG A 170 19.84 0.19 -13.34
C ARG A 170 19.55 0.08 -11.83
N ARG A 171 18.73 1.00 -11.32
CA ARG A 171 18.38 0.98 -9.88
C ARG A 171 17.57 -0.23 -9.53
N GLY A 172 16.56 -0.54 -10.35
CA GLY A 172 15.78 -1.73 -10.06
C GLY A 172 16.67 -2.98 -9.92
N GLN A 173 17.61 -3.14 -10.85
CA GLN A 173 18.49 -4.32 -10.87
C GLN A 173 19.41 -4.33 -9.65
N ALA A 174 19.88 -3.16 -9.24
CA ALA A 174 20.74 -3.09 -8.09
C ALA A 174 19.99 -3.48 -6.84
N TYR A 175 18.72 -3.05 -6.76
CA TYR A 175 17.89 -3.36 -5.58
C TYR A 175 17.53 -4.83 -5.53
N GLU A 176 17.24 -5.41 -6.70
CA GLU A 176 16.95 -6.85 -6.71
C GLU A 176 18.22 -7.60 -6.29
N GLU A 177 19.37 -7.11 -6.72
CA GLU A 177 20.65 -7.74 -6.35
C GLU A 177 20.85 -7.60 -4.84
N ALA A 178 20.33 -6.53 -4.21
CA ALA A 178 20.49 -6.35 -2.76
C ALA A 178 19.46 -7.19 -1.99
N GLY A 179 18.53 -7.83 -2.69
CA GLY A 179 17.54 -8.59 -1.95
C GLY A 179 16.08 -8.23 -2.12
N ALA A 180 15.76 -7.18 -2.88
CA ALA A 180 14.32 -6.88 -3.07
C ALA A 180 13.53 -8.04 -3.70
N ASP A 181 12.33 -8.33 -3.17
CA ASP A 181 11.53 -9.42 -3.71
C ASP A 181 10.72 -8.96 -4.86
N ALA A 182 10.60 -7.63 -4.99
CA ALA A 182 9.84 -7.05 -6.10
C ALA A 182 10.21 -5.62 -6.31
N ILE A 183 9.95 -5.08 -7.50
CA ILE A 183 10.30 -3.72 -7.78
C ILE A 183 9.06 -2.92 -8.20
N LEU A 184 8.76 -1.87 -7.44
CA LEU A 184 7.62 -1.05 -7.74
C LEU A 184 8.21 0.11 -8.53
N ILE A 185 7.86 0.21 -9.81
CA ILE A 185 8.35 1.27 -10.69
C ILE A 185 7.20 2.26 -10.76
N HIS A 186 7.49 3.49 -10.37
CA HIS A 186 6.42 4.48 -10.34
C HIS A 186 6.48 5.54 -11.45
N SER A 187 5.31 6.09 -11.74
CA SER A 187 5.16 7.13 -12.76
C SER A 187 3.94 8.02 -12.46
N ARG A 188 4.09 9.33 -12.70
CA ARG A 188 3.01 10.30 -12.48
C ARG A 188 2.45 10.78 -13.82
N GLN A 189 2.92 10.20 -14.93
CA GLN A 189 2.44 10.58 -16.28
C GLN A 189 0.97 10.24 -16.37
N LYS A 190 0.23 10.94 -17.24
CA LYS A 190 -1.20 10.67 -17.39
C LYS A 190 -1.50 9.59 -18.40
N THR A 191 -0.45 9.07 -19.03
CA THR A 191 -0.55 7.93 -19.97
C THR A 191 0.50 6.90 -19.54
N PRO A 192 0.24 5.63 -19.84
CA PRO A 192 1.17 4.57 -19.45
C PRO A 192 2.42 4.32 -20.25
N ASP A 193 2.70 5.15 -21.26
CA ASP A 193 3.88 4.93 -22.12
C ASP A 193 5.24 4.72 -21.42
N GLU A 194 5.57 5.59 -20.49
CA GLU A 194 6.81 5.56 -19.72
C GLU A 194 6.89 4.24 -18.92
N ILE A 195 5.80 3.91 -18.21
CA ILE A 195 5.72 2.67 -17.47
C ILE A 195 5.78 1.46 -18.43
N LEU A 196 4.98 1.44 -19.48
CA LEU A 196 5.06 0.28 -20.39
C LEU A 196 6.46 0.10 -21.01
N ALA A 197 7.14 1.20 -21.39
CA ALA A 197 8.50 1.08 -21.93
C ALA A 197 9.45 0.51 -20.86
N PHE A 198 9.35 0.99 -19.62
CA PHE A 198 10.17 0.39 -18.56
C PHE A 198 9.89 -1.12 -18.47
N VAL A 199 8.61 -1.50 -18.39
CA VAL A 199 8.27 -2.92 -18.28
C VAL A 199 8.87 -3.79 -19.40
N LYS A 200 8.69 -3.33 -20.63
CA LYS A 200 9.23 -4.05 -21.78
C LYS A 200 10.74 -4.19 -21.63
N SER A 201 11.42 -3.19 -21.11
CA SER A 201 12.84 -3.34 -20.96
C SER A 201 13.30 -4.03 -19.69
N TRP A 202 12.45 -4.16 -18.68
CA TRP A 202 12.88 -4.76 -17.41
C TRP A 202 13.49 -6.16 -17.64
N PRO A 203 14.75 -6.38 -17.22
CA PRO A 203 15.50 -7.64 -17.37
C PRO A 203 15.62 -8.50 -16.10
N GLY A 204 15.18 -7.95 -14.95
CA GLY A 204 15.29 -8.66 -13.69
C GLY A 204 14.41 -9.86 -13.58
N LYS A 205 14.68 -10.68 -12.58
CA LYS A 205 13.94 -11.92 -12.36
C LYS A 205 12.73 -11.68 -11.46
N VAL A 206 12.82 -10.74 -10.51
CA VAL A 206 11.70 -10.48 -9.64
C VAL A 206 10.56 -9.73 -10.33
N PRO A 207 9.33 -9.91 -9.83
CA PRO A 207 8.14 -9.25 -10.38
C PRO A 207 8.05 -7.78 -10.17
N LEU A 208 7.36 -7.12 -11.07
CA LEU A 208 7.14 -5.69 -10.92
C LEU A 208 5.81 -5.38 -10.25
N VAL A 209 5.76 -4.19 -9.67
CA VAL A 209 4.55 -3.68 -9.01
C VAL A 209 4.22 -2.33 -9.64
N LEU A 210 2.95 -2.16 -10.05
CA LEU A 210 2.46 -0.89 -10.62
C LEU A 210 1.39 -0.23 -9.72
N VAL A 211 1.38 1.10 -9.70
CA VAL A 211 0.37 1.88 -8.98
C VAL A 211 -0.11 2.82 -10.09
N PRO A 212 -1.07 2.37 -10.90
CA PRO A 212 -1.63 3.09 -12.04
C PRO A 212 -2.55 4.28 -11.80
N THR A 213 -2.48 4.86 -10.60
CA THR A 213 -3.32 5.98 -10.20
C THR A 213 -3.39 7.11 -11.17
N ALA A 214 -2.23 7.52 -11.71
CA ALA A 214 -2.17 8.64 -12.64
C ALA A 214 -2.52 8.27 -14.08
N TYR A 215 -2.45 6.97 -14.40
CA TYR A 215 -2.76 6.51 -15.75
C TYR A 215 -3.81 5.41 -15.62
N PRO A 216 -5.05 5.80 -15.20
CA PRO A 216 -6.13 4.84 -15.01
C PRO A 216 -6.58 4.09 -16.21
N GLN A 217 -6.13 4.45 -17.38
CA GLN A 217 -6.58 3.74 -18.56
C GLN A 217 -5.88 2.39 -18.74
N LEU A 218 -4.85 2.13 -17.92
CA LEU A 218 -4.16 0.84 -17.99
C LEU A 218 -4.99 -0.06 -17.09
N THR A 219 -5.83 -0.88 -17.69
CA THR A 219 -6.72 -1.73 -16.90
C THR A 219 -6.09 -3.01 -16.36
N GLU A 220 -6.85 -3.78 -15.56
CA GLU A 220 -6.21 -5.02 -15.10
C GLU A 220 -5.96 -6.00 -16.25
N ALA A 221 -6.82 -5.96 -17.27
CA ALA A 221 -6.63 -6.86 -18.41
C ALA A 221 -5.36 -6.37 -19.14
N ASP A 222 -5.15 -5.06 -19.20
CA ASP A 222 -3.95 -4.61 -19.84
C ASP A 222 -2.72 -5.05 -19.00
N ILE A 223 -2.84 -4.99 -17.67
CA ILE A 223 -1.70 -5.34 -16.81
C ILE A 223 -1.48 -6.84 -16.84
N ALA A 224 -2.53 -7.63 -16.86
CA ALA A 224 -2.38 -9.11 -16.90
C ALA A 224 -1.52 -9.51 -18.11
N ALA A 225 -1.62 -8.74 -19.19
CA ALA A 225 -0.88 -8.95 -20.43
C ALA A 225 0.64 -8.71 -20.25
N LEU A 226 1.02 -8.12 -19.12
CA LEU A 226 2.42 -7.82 -18.81
C LEU A 226 2.82 -8.94 -17.82
N SER A 227 3.37 -10.00 -18.39
CA SER A 227 3.75 -11.12 -17.55
C SER A 227 4.75 -10.73 -16.49
N LYS A 228 5.46 -9.63 -16.70
CA LYS A 228 6.47 -9.23 -15.72
C LYS A 228 5.94 -8.57 -14.43
N VAL A 229 4.67 -8.13 -14.46
CA VAL A 229 4.02 -7.44 -13.32
C VAL A 229 3.28 -8.46 -12.47
N GLY A 230 3.55 -8.52 -11.16
CA GLY A 230 2.80 -9.45 -10.33
C GLY A 230 1.77 -8.79 -9.37
N ILE A 231 1.83 -7.47 -9.26
CA ILE A 231 0.97 -6.77 -8.34
C ILE A 231 0.48 -5.44 -8.87
N VAL A 232 -0.81 -5.14 -8.76
CA VAL A 232 -1.24 -3.81 -9.11
C VAL A 232 -1.80 -3.21 -7.82
N ILE A 233 -1.44 -1.96 -7.52
CA ILE A 233 -1.95 -1.33 -6.28
C ILE A 233 -2.87 -0.14 -6.64
N TYR A 234 -4.06 -0.09 -6.03
CA TYR A 234 -4.99 1.06 -6.19
C TYR A 234 -4.58 1.97 -5.05
N GLY A 235 -3.85 2.99 -5.42
CA GLY A 235 -3.21 3.82 -4.42
C GLY A 235 -3.96 4.70 -3.48
N ASN A 236 -5.07 5.29 -3.93
CA ASN A 236 -5.78 6.23 -3.04
C ASN A 236 -7.27 6.41 -3.33
N HIS A 237 -7.90 5.38 -3.86
CA HIS A 237 -9.27 5.44 -4.27
C HIS A 237 -10.26 5.35 -3.09
N ALA A 238 -9.84 4.78 -1.98
CA ALA A 238 -10.77 4.75 -0.83
C ALA A 238 -10.88 6.16 -0.23
N ILE A 239 -9.75 6.85 -0.03
CA ILE A 239 -9.93 8.16 0.62
C ILE A 239 -10.69 9.13 -0.36
N ARG A 240 -10.48 8.93 -1.64
CA ARG A 240 -11.09 9.78 -2.63
C ARG A 240 -12.57 9.51 -2.64
N ALA A 241 -12.96 8.24 -2.65
CA ALA A 241 -14.36 7.92 -2.62
C ALA A 241 -15.04 8.49 -1.32
N ALA A 242 -14.35 8.34 -0.20
CA ALA A 242 -14.86 8.78 1.07
C ALA A 242 -15.10 10.28 1.02
N VAL A 243 -14.10 11.03 0.59
CA VAL A 243 -14.20 12.47 0.53
C VAL A 243 -15.37 12.88 -0.35
N GLY A 244 -15.49 12.22 -1.50
CA GLY A 244 -16.55 12.58 -2.42
C GLY A 244 -17.89 12.41 -1.78
N ALA A 245 -18.09 11.31 -1.06
CA ALA A 245 -19.43 11.11 -0.48
C ALA A 245 -19.70 11.89 0.79
N VAL A 246 -18.66 12.07 1.61
CA VAL A 246 -18.88 12.80 2.88
C VAL A 246 -19.19 14.26 2.60
N ARG A 247 -18.44 14.80 1.66
CA ARG A 247 -18.62 16.17 1.26
C ARG A 247 -20.05 16.38 0.70
N GLU A 248 -20.55 15.41 -0.09
CA GLU A 248 -21.87 15.55 -0.68
C GLU A 248 -22.99 15.41 0.38
N VAL A 249 -22.85 14.43 1.29
CA VAL A 249 -23.86 14.24 2.30
C VAL A 249 -23.88 15.49 3.22
N PHE A 250 -22.70 16.04 3.56
CA PHE A 250 -22.64 17.21 4.44
C PHE A 250 -23.32 18.40 3.77
N ALA A 251 -23.07 18.55 2.46
CA ALA A 251 -23.65 19.70 1.73
C ALA A 251 -25.16 19.52 1.66
N ARG A 252 -25.65 18.29 1.43
CA ARG A 252 -27.09 18.07 1.39
C ARG A 252 -27.75 18.34 2.74
N ILE A 253 -27.13 17.86 3.83
CA ILE A 253 -27.70 18.05 5.17
C ILE A 253 -27.83 19.54 5.46
N ARG A 254 -26.84 20.32 5.06
CA ARG A 254 -26.86 21.75 5.33
C ARG A 254 -27.89 22.51 4.44
N ARG A 255 -28.06 22.04 3.21
CA ARG A 255 -29.02 22.61 2.25
C ARG A 255 -30.44 22.21 2.71
N ASP A 256 -30.64 20.95 3.09
CA ASP A 256 -31.96 20.47 3.54
C ASP A 256 -32.33 20.86 4.99
N GLY A 257 -31.35 21.33 5.75
CA GLY A 257 -31.64 21.68 7.13
C GLY A 257 -31.98 20.42 7.88
N GLY A 258 -31.22 19.36 7.68
CA GLY A 258 -31.54 18.14 8.40
C GLY A 258 -31.20 16.87 7.63
N ILE A 259 -31.54 15.70 8.18
CA ILE A 259 -31.25 14.40 7.58
C ILE A 259 -32.48 13.67 7.08
N ARG A 260 -33.64 14.36 7.08
CA ARG A 260 -34.90 13.70 6.65
C ARG A 260 -34.85 13.09 5.25
N GLU A 261 -34.11 13.70 4.32
CA GLU A 261 -33.96 13.31 2.91
C GLU A 261 -32.78 12.39 2.68
N VAL A 262 -31.67 12.71 3.31
CA VAL A 262 -30.48 11.96 3.12
C VAL A 262 -30.49 10.63 3.83
N ASP A 263 -31.28 10.48 4.86
CA ASP A 263 -31.24 9.24 5.60
C ASP A 263 -31.52 8.01 4.77
N ALA A 264 -32.56 8.03 3.93
CA ALA A 264 -32.96 6.82 3.14
C ALA A 264 -31.87 6.20 2.28
N ALA A 265 -31.09 7.04 1.64
CA ALA A 265 -30.04 6.65 0.75
C ALA A 265 -28.83 6.01 1.50
N LEU A 266 -28.54 6.51 2.68
CA LEU A 266 -27.35 6.03 3.42
C LEU A 266 -27.36 4.54 3.83
N PRO A 267 -26.17 3.94 4.06
CA PRO A 267 -26.21 2.55 4.52
C PRO A 267 -26.89 2.74 5.93
N SER A 268 -27.61 1.75 6.42
CA SER A 268 -28.32 1.90 7.71
C SER A 268 -27.36 1.77 8.90
N VAL A 269 -27.80 2.24 10.08
CA VAL A 269 -26.99 2.05 11.27
C VAL A 269 -26.81 0.57 11.50
N LYS A 270 -27.86 -0.21 11.31
CA LYS A 270 -27.70 -1.65 11.46
C LYS A 270 -26.58 -2.28 10.58
N GLU A 271 -26.42 -1.77 9.36
CA GLU A 271 -25.37 -2.25 8.49
C GLU A 271 -23.96 -1.95 9.06
N ILE A 272 -23.81 -0.78 9.65
CA ILE A 272 -22.50 -0.47 10.26
C ILE A 272 -22.29 -1.38 11.49
N ILE A 273 -23.34 -1.57 12.29
CA ILE A 273 -23.15 -2.43 13.45
C ILE A 273 -22.70 -3.86 13.05
N GLU A 274 -23.20 -4.35 11.91
CA GLU A 274 -22.80 -5.66 11.46
C GLU A 274 -21.31 -5.65 10.99
N LEU A 275 -20.91 -4.57 10.35
CA LEU A 275 -19.53 -4.44 9.89
C LEU A 275 -18.59 -4.33 11.09
N GLN A 276 -19.12 -3.89 12.22
CA GLN A 276 -18.35 -3.81 13.45
C GLN A 276 -18.13 -5.15 14.16
N GLY A 277 -18.74 -6.22 13.67
CA GLY A 277 -18.55 -7.52 14.29
C GLY A 277 -19.56 -7.76 15.42
N ASP A 278 -20.72 -7.10 15.33
CA ASP A 278 -21.73 -7.28 16.36
C ASP A 278 -22.06 -8.75 16.62
N GLU A 279 -22.18 -9.53 15.56
CA GLU A 279 -22.51 -10.94 15.66
C GLU A 279 -21.55 -11.70 16.59
N ARG A 280 -20.27 -11.56 16.29
CA ARG A 280 -19.24 -12.19 17.08
C ARG A 280 -19.39 -11.71 18.55
N MET A 281 -19.52 -10.41 18.73
CA MET A 281 -19.66 -9.90 20.07
C MET A 281 -20.87 -10.50 20.78
N ARG A 282 -22.00 -10.70 20.09
CA ARG A 282 -23.17 -11.32 20.79
C ARG A 282 -22.88 -12.77 21.20
N ALA A 283 -22.10 -13.47 20.39
CA ALA A 283 -21.76 -14.86 20.73
C ALA A 283 -20.89 -14.81 22.00
N VAL A 284 -19.93 -13.86 22.02
CA VAL A 284 -19.07 -13.75 23.19
C VAL A 284 -19.89 -13.39 24.45
N GLU A 285 -20.78 -12.41 24.35
CA GLU A 285 -21.60 -12.04 25.51
C GLU A 285 -22.43 -13.20 25.93
N ALA A 286 -23.03 -13.88 24.94
CA ALA A 286 -23.88 -15.03 25.28
C ALA A 286 -23.07 -16.13 25.95
N ARG A 287 -21.82 -16.37 25.54
CA ARG A 287 -21.15 -17.49 26.20
C ARG A 287 -20.29 -17.16 27.40
N TYR A 288 -19.97 -15.89 27.60
CA TYR A 288 -19.07 -15.55 28.70
C TYR A 288 -19.51 -14.45 29.68
N LEU A 289 -20.55 -13.69 29.37
CA LEU A 289 -20.96 -12.63 30.30
C LEU A 289 -21.94 -13.32 31.26
N LYS A 290 -21.53 -13.52 32.50
CA LYS A 290 -22.35 -14.22 33.47
C LYS A 290 -22.45 -13.52 34.80
#